data_9I2M
#
_entry.id   9I2M
#
_cell.length_a   64.670
_cell.length_b   77.911
_cell.length_c   79.152
_cell.angle_alpha   90.000
_cell.angle_beta   90.000
_cell.angle_gamma   90.000
#
_symmetry.space_group_name_H-M   'I 2 2 2'
#
loop_
_entity.id
_entity.type
_entity.pdbx_description
1 polymer 'Allergen Fel d 4'
2 water water
#
_entity_poly.entity_id   1
_entity_poly.type   'polypeptide(L)'
_entity_poly.pdbx_seq_one_letter_code
;MGSSHHHHHHSSGENLYFQGHMHEEENVVRSNIDISKISGEWYSILLASDVKEKIEENGSMRVFVEHIKALDNSSLSFVF
HTKENGKCTEIFLVADKTKDGVYTVVYDGYNVFSIVETVYDEYILLHLLNFDKTRPFQLVEFYAREPDVSQKLKEKFVKY
CQEHGIVNILDLTEVDRCLQARGSEVAQDSSV
;
_entity_poly.pdbx_strand_id   A
#
# COMPACT_ATOMS: atom_id res chain seq x y z
N SER A 12 27.63 1.84 44.59
CA SER A 12 26.39 1.09 44.46
C SER A 12 25.57 1.74 43.35
N GLY A 13 24.36 1.24 43.19
CA GLY A 13 23.50 1.63 42.10
C GLY A 13 22.99 0.42 41.36
N GLU A 14 22.05 0.68 40.46
CA GLU A 14 21.48 -0.36 39.64
C GLU A 14 22.33 -0.45 38.37
N ASN A 15 22.91 -1.61 38.13
CA ASN A 15 23.60 -1.80 36.87
C ASN A 15 22.59 -1.88 35.74
N LEU A 16 22.85 -1.11 34.69
CA LEU A 16 22.00 -1.09 33.50
C LEU A 16 22.74 -1.78 32.37
N TYR A 17 21.98 -2.40 31.47
CA TYR A 17 22.55 -3.19 30.41
C TYR A 17 21.83 -2.89 29.11
N PHE A 18 22.59 -2.74 28.03
CA PHE A 18 21.99 -2.55 26.73
C PHE A 18 21.24 -3.82 26.33
N GLN A 19 20.05 -3.63 25.81
CA GLN A 19 19.22 -4.74 25.34
C GLN A 19 18.60 -4.34 24.01
N GLY A 20 18.57 -5.29 23.08
CA GLY A 20 17.96 -5.07 21.79
C GLY A 20 18.98 -5.06 20.68
N HIS A 21 18.68 -4.33 19.60
CA HIS A 21 19.60 -4.11 18.50
C HIS A 21 19.83 -2.61 18.33
N MET A 22 20.90 -2.28 17.61
CA MET A 22 21.28 -0.87 17.47
C MET A 22 20.31 -0.09 16.58
N HIS A 23 19.91 -0.65 15.44
CA HIS A 23 18.92 0.03 14.62
C HIS A 23 17.60 0.16 15.40
N GLU A 24 16.76 1.11 14.97
CA GLU A 24 15.67 1.54 15.83
C GLU A 24 14.39 0.70 15.70
N GLU A 25 14.01 0.30 14.50
CA GLU A 25 12.67 -0.25 14.28
C GLU A 25 12.62 -1.75 14.57
N GLU A 26 11.46 -2.19 15.08
CA GLU A 26 11.21 -3.58 15.45
C GLU A 26 10.44 -4.28 14.33
N ASN A 27 10.93 -5.45 13.91
CA ASN A 27 10.23 -6.31 12.95
C ASN A 27 9.84 -5.58 11.67
N VAL A 28 10.59 -4.55 11.30
CA VAL A 28 10.33 -3.84 10.04
C VAL A 28 11.10 -4.53 8.94
N VAL A 29 10.37 -5.01 7.95
CA VAL A 29 10.91 -5.80 6.86
C VAL A 29 11.03 -4.91 5.65
N ARG A 30 12.23 -4.82 5.09
CA ARG A 30 12.53 -4.02 3.91
C ARG A 30 13.03 -4.85 2.74
N SER A 31 13.51 -6.07 2.98
CA SER A 31 13.98 -6.94 1.93
C SER A 31 13.82 -8.38 2.39
N ASN A 32 14.00 -9.30 1.43
CA ASN A 32 13.75 -10.72 1.67
C ASN A 32 12.32 -10.94 2.17
N ILE A 33 11.37 -10.33 1.45
CA ILE A 33 9.98 -10.34 1.84
C ILE A 33 9.42 -11.76 1.84
N ASP A 34 8.75 -12.13 2.92
CA ASP A 34 8.04 -13.40 3.02
C ASP A 34 6.59 -13.22 2.56
N ILE A 35 6.29 -13.70 1.37
CA ILE A 35 5.03 -13.35 0.72
C ILE A 35 3.85 -13.95 1.48
N SER A 36 4.00 -15.16 2.01
CA SER A 36 2.88 -15.79 2.68
C SER A 36 2.39 -14.91 3.83
N LYS A 37 3.30 -14.22 4.49
CA LYS A 37 2.94 -13.42 5.64
C LYS A 37 2.36 -12.05 5.27
N ILE A 38 2.54 -11.60 4.03
N ILE A 38 2.54 -11.58 4.03
CA ILE A 38 1.91 -10.37 3.57
CA ILE A 38 1.86 -10.34 3.61
C ILE A 38 0.56 -10.63 2.92
C ILE A 38 0.49 -10.63 3.04
N SER A 39 0.16 -11.89 2.81
CA SER A 39 -1.12 -12.25 2.23
C SER A 39 -2.26 -11.96 3.20
N GLY A 40 -3.47 -11.95 2.67
CA GLY A 40 -4.65 -11.78 3.48
C GLY A 40 -5.36 -10.46 3.25
N GLU A 41 -6.12 -10.07 4.30
CA GLU A 41 -6.97 -8.89 4.24
CA GLU A 41 -6.98 -8.90 4.23
C GLU A 41 -6.20 -7.62 4.56
N TRP A 42 -6.41 -6.59 3.74
CA TRP A 42 -5.78 -5.29 3.92
C TRP A 42 -6.81 -4.20 3.63
N TYR A 43 -6.52 -3.01 4.11
CA TYR A 43 -7.34 -1.81 3.95
C TYR A 43 -6.46 -0.68 3.46
N SER A 44 -6.97 0.11 2.52
CA SER A 44 -6.24 1.28 2.03
C SER A 44 -6.44 2.43 3.03
N ILE A 45 -5.35 2.98 3.54
CA ILE A 45 -5.37 4.02 4.55
C ILE A 45 -5.01 5.37 3.96
N LEU A 46 -3.85 5.45 3.31
CA LEU A 46 -3.32 6.69 2.80
C LEU A 46 -2.90 6.50 1.35
N LEU A 47 -2.97 7.58 0.57
CA LEU A 47 -2.67 7.58 -0.85
C LEU A 47 -2.00 8.90 -1.17
N ALA A 48 -0.94 8.87 -1.95
CA ALA A 48 -0.24 10.08 -2.29
C ALA A 48 0.26 9.98 -3.71
N SER A 49 0.43 11.15 -4.37
CA SER A 49 0.92 11.19 -5.73
C SER A 49 1.56 12.53 -6.01
N ASP A 50 2.44 12.56 -7.00
CA ASP A 50 2.91 13.84 -7.54
C ASP A 50 1.93 14.43 -8.56
N VAL A 51 0.89 13.69 -8.93
CA VAL A 51 -0.15 14.18 -9.85
C VAL A 51 -1.48 14.06 -9.11
N LYS A 52 -1.97 15.17 -8.56
CA LYS A 52 -3.06 15.02 -7.59
C LYS A 52 -4.34 14.48 -8.23
N GLU A 53 -4.53 14.72 -9.52
CA GLU A 53 -5.73 14.26 -10.20
C GLU A 53 -5.86 12.74 -10.16
N LYS A 54 -4.74 12.03 -10.09
CA LYS A 54 -4.81 10.57 -10.15
C LYS A 54 -5.41 9.97 -8.88
N ILE A 55 -5.41 10.71 -7.77
CA ILE A 55 -5.88 10.14 -6.50
C ILE A 55 -7.08 10.86 -5.96
N GLU A 56 -7.48 12.00 -6.51
CA GLU A 56 -8.72 12.64 -6.09
C GLU A 56 -9.92 11.88 -6.66
N GLU A 57 -11.12 12.28 -6.25
CA GLU A 57 -12.30 11.57 -6.73
C GLU A 57 -12.26 11.51 -8.26
N ASN A 58 -12.66 10.36 -8.79
CA ASN A 58 -12.67 10.01 -10.20
C ASN A 58 -11.27 9.68 -10.70
N GLY A 59 -10.23 9.85 -9.89
CA GLY A 59 -8.90 9.49 -10.33
C GLY A 59 -8.73 8.00 -10.51
N SER A 60 -7.92 7.62 -11.51
CA SER A 60 -7.78 6.20 -11.83
C SER A 60 -7.12 5.41 -10.70
N MET A 61 -6.29 6.08 -9.89
N MET A 61 -6.28 6.07 -9.90
CA MET A 61 -5.53 5.38 -8.86
CA MET A 61 -5.53 5.38 -8.86
C MET A 61 -6.22 5.43 -7.51
C MET A 61 -6.22 5.45 -7.51
N ARG A 62 -7.47 5.90 -7.48
CA ARG A 62 -8.27 5.92 -6.26
C ARG A 62 -8.86 4.52 -6.13
N VAL A 63 -8.02 3.61 -5.67
CA VAL A 63 -8.37 2.20 -5.54
C VAL A 63 -8.20 1.81 -4.09
N PHE A 64 -9.04 0.88 -3.65
CA PHE A 64 -9.14 0.52 -2.24
C PHE A 64 -8.84 -0.97 -2.14
N VAL A 65 -7.72 -1.31 -1.55
CA VAL A 65 -7.31 -2.71 -1.55
C VAL A 65 -8.22 -3.54 -0.66
N GLU A 66 -8.40 -4.81 -1.04
CA GLU A 66 -9.17 -5.76 -0.28
C GLU A 66 -8.31 -6.92 0.20
N HIS A 67 -7.57 -7.55 -0.71
N HIS A 67 -7.64 -7.62 -0.71
CA HIS A 67 -6.88 -8.80 -0.41
CA HIS A 67 -6.77 -8.69 -0.24
C HIS A 67 -5.64 -8.90 -1.26
C HIS A 67 -5.66 -8.93 -1.23
N ILE A 68 -4.59 -9.52 -0.70
CA ILE A 68 -3.37 -9.87 -1.42
C ILE A 68 -3.19 -11.37 -1.23
N LYS A 69 -2.87 -12.07 -2.32
CA LYS A 69 -2.68 -13.51 -2.25
C LYS A 69 -1.49 -13.92 -3.10
N ALA A 70 -0.63 -14.78 -2.56
CA ALA A 70 0.39 -15.44 -3.35
C ALA A 70 -0.26 -16.39 -4.33
N LEU A 71 0.19 -16.34 -5.59
CA LEU A 71 -0.36 -17.18 -6.64
C LEU A 71 0.55 -18.35 -6.97
N ASP A 72 1.81 -18.05 -7.17
CA ASP A 72 2.85 -19.05 -7.32
C ASP A 72 4.08 -18.45 -6.67
N ASN A 73 5.23 -19.09 -6.85
CA ASN A 73 6.42 -18.61 -6.15
C ASN A 73 6.82 -17.20 -6.60
N SER A 74 6.14 -16.67 -7.63
CA SER A 74 6.45 -15.34 -8.14
C SER A 74 5.28 -14.39 -7.92
N SER A 75 4.17 -14.58 -8.62
CA SER A 75 3.18 -13.55 -8.82
C SER A 75 2.28 -13.35 -7.60
N LEU A 76 1.63 -12.18 -7.59
CA LEU A 76 0.81 -11.74 -6.49
C LEU A 76 -0.54 -11.30 -7.02
N SER A 77 -1.62 -11.83 -6.43
CA SER A 77 -2.96 -11.36 -6.72
C SER A 77 -3.31 -10.21 -5.78
N PHE A 78 -3.84 -9.13 -6.36
CA PHE A 78 -4.34 -8.00 -5.61
C PHE A 78 -5.80 -7.81 -6.05
N VAL A 79 -6.73 -7.75 -5.10
CA VAL A 79 -8.11 -7.42 -5.39
C VAL A 79 -8.40 -6.08 -4.76
N PHE A 80 -8.98 -5.18 -5.55
CA PHE A 80 -9.33 -3.85 -5.10
C PHE A 80 -10.80 -3.59 -5.36
N HIS A 81 -11.33 -2.57 -4.70
CA HIS A 81 -12.52 -1.89 -5.18
C HIS A 81 -12.17 -0.49 -5.69
N THR A 82 -12.95 -0.02 -6.65
CA THR A 82 -12.83 1.35 -7.14
C THR A 82 -14.25 1.84 -7.45
N LYS A 83 -14.43 3.16 -7.44
CA LYS A 83 -15.73 3.75 -7.75
C LYS A 83 -15.83 3.99 -9.25
N GLU A 84 -16.87 3.45 -9.87
CA GLU A 84 -17.12 3.64 -11.29
C GLU A 84 -18.62 3.80 -11.48
N ASN A 85 -19.01 4.87 -12.17
CA ASN A 85 -20.45 5.11 -12.44
C ASN A 85 -21.29 4.99 -11.16
N GLY A 86 -20.76 5.55 -10.07
CA GLY A 86 -21.50 5.66 -8.82
C GLY A 86 -21.45 4.45 -7.93
N LYS A 87 -20.82 3.36 -8.37
CA LYS A 87 -20.87 2.08 -7.69
C LYS A 87 -19.46 1.60 -7.35
N CYS A 88 -19.34 0.80 -6.29
CA CYS A 88 -18.11 0.09 -5.97
C CYS A 88 -18.01 -1.08 -6.91
N THR A 89 -16.89 -1.18 -7.62
CA THR A 89 -16.66 -2.29 -8.52
C THR A 89 -15.36 -2.95 -8.12
N GLU A 90 -15.35 -4.27 -8.17
CA GLU A 90 -14.21 -5.08 -7.77
C GLU A 90 -13.30 -5.30 -8.96
N ILE A 91 -12.00 -5.06 -8.76
N ILE A 91 -12.00 -5.10 -8.77
CA ILE A 91 -10.96 -5.23 -9.77
CA ILE A 91 -11.03 -5.27 -9.85
C ILE A 91 -10.02 -6.33 -9.31
C ILE A 91 -9.93 -6.22 -9.38
N PHE A 92 -9.61 -7.18 -10.24
CA PHE A 92 -8.66 -8.25 -9.97
C PHE A 92 -7.40 -8.01 -10.76
N LEU A 93 -6.26 -7.94 -10.08
CA LEU A 93 -4.99 -7.68 -10.75
C LEU A 93 -3.98 -8.76 -10.37
N VAL A 94 -3.10 -9.08 -11.31
CA VAL A 94 -2.00 -9.98 -11.05
C VAL A 94 -0.70 -9.24 -11.31
N ALA A 95 0.13 -9.16 -10.27
CA ALA A 95 1.42 -8.49 -10.38
C ALA A 95 2.52 -9.51 -10.50
N ASP A 96 3.45 -9.25 -11.40
CA ASP A 96 4.52 -10.19 -11.71
C ASP A 96 5.83 -9.74 -11.07
N LYS A 97 6.48 -10.66 -10.39
CA LYS A 97 7.71 -10.33 -9.67
C LYS A 97 8.85 -10.12 -10.63
N THR A 98 9.62 -9.04 -10.44
CA THR A 98 10.86 -8.86 -11.19
C THR A 98 12.10 -9.07 -10.33
N LYS A 99 11.98 -8.85 -9.03
CA LYS A 99 13.05 -9.12 -8.07
C LYS A 99 12.40 -9.05 -6.70
N ASP A 100 13.18 -9.34 -5.67
CA ASP A 100 12.68 -9.28 -4.31
C ASP A 100 11.98 -7.95 -4.06
N GLY A 101 10.71 -7.99 -3.69
CA GLY A 101 9.99 -6.79 -3.33
C GLY A 101 9.57 -5.90 -4.48
N VAL A 102 9.78 -6.30 -5.72
CA VAL A 102 9.44 -5.45 -6.86
C VAL A 102 8.61 -6.21 -7.88
N TYR A 103 7.56 -5.57 -8.38
CA TYR A 103 6.57 -6.20 -9.25
C TYR A 103 6.17 -5.23 -10.36
N THR A 104 5.67 -5.78 -11.47
CA THR A 104 5.03 -4.97 -12.50
C THR A 104 3.57 -5.37 -12.63
N VAL A 105 2.75 -4.43 -13.08
CA VAL A 105 1.32 -4.70 -13.25
C VAL A 105 0.79 -3.71 -14.26
N VAL A 106 -0.16 -4.15 -15.07
CA VAL A 106 -0.82 -3.30 -16.06
C VAL A 106 -2.13 -2.82 -15.47
N TYR A 107 -2.27 -1.50 -15.33
CA TYR A 107 -3.51 -0.88 -14.86
C TYR A 107 -3.36 0.62 -15.10
N ASP A 108 -4.25 1.21 -15.92
CA ASP A 108 -4.06 2.60 -16.35
C ASP A 108 -2.65 2.77 -16.94
N GLY A 109 -2.23 1.77 -17.70
CA GLY A 109 -0.92 1.75 -18.31
C GLY A 109 0.01 0.77 -17.62
N TYR A 110 1.30 1.01 -17.79
CA TYR A 110 2.32 0.11 -17.28
C TYR A 110 2.87 0.66 -15.98
N ASN A 111 2.92 -0.19 -14.95
CA ASN A 111 3.40 0.17 -13.63
C ASN A 111 4.47 -0.79 -13.13
N VAL A 112 5.40 -0.23 -12.36
CA VAL A 112 6.27 -0.98 -11.48
C VAL A 112 5.96 -0.52 -10.07
N PHE A 113 6.03 -1.43 -9.12
CA PHE A 113 5.91 -0.99 -7.73
C PHE A 113 6.79 -1.82 -6.83
N SER A 114 7.17 -1.21 -5.71
CA SER A 114 8.07 -1.78 -4.73
C SER A 114 7.41 -1.86 -3.38
N ILE A 115 7.63 -2.98 -2.67
CA ILE A 115 7.26 -3.07 -1.25
C ILE A 115 8.41 -2.41 -0.51
N VAL A 116 8.21 -1.17 -0.07
CA VAL A 116 9.28 -0.41 0.55
C VAL A 116 9.54 -0.93 1.95
N GLU A 117 8.47 -1.18 2.72
CA GLU A 117 8.59 -1.56 4.11
C GLU A 117 7.28 -2.22 4.52
N THR A 118 7.37 -3.20 5.42
CA THR A 118 6.16 -3.83 5.90
C THR A 118 6.42 -4.34 7.30
N VAL A 119 5.39 -4.26 8.13
CA VAL A 119 5.27 -5.04 9.36
C VAL A 119 4.09 -5.95 9.07
N TYR A 120 4.37 -7.25 8.91
CA TYR A 120 3.42 -8.14 8.27
C TYR A 120 2.03 -8.11 8.91
N ASP A 121 1.96 -7.97 10.23
CA ASP A 121 0.65 -7.96 10.87
C ASP A 121 0.18 -6.54 11.18
N GLU A 122 0.70 -5.53 10.47
CA GLU A 122 0.26 -4.17 10.70
C GLU A 122 0.11 -3.31 9.45
N TYR A 123 1.15 -3.20 8.61
CA TYR A 123 1.08 -2.27 7.50
C TYR A 123 2.03 -2.65 6.37
N ILE A 124 1.75 -2.08 5.19
CA ILE A 124 2.61 -2.14 4.02
C ILE A 124 2.69 -0.75 3.44
N LEU A 125 3.90 -0.30 3.12
N LEU A 125 3.90 -0.33 3.11
CA LEU A 125 4.14 0.93 2.38
CA LEU A 125 4.16 0.92 2.39
C LEU A 125 4.65 0.54 1.00
C LEU A 125 4.66 0.55 1.00
N LEU A 126 3.95 0.99 -0.05
N LEU A 126 3.92 0.99 -0.03
CA LEU A 126 4.25 0.62 -1.42
CA LEU A 126 4.21 0.66 -1.42
C LEU A 126 4.46 1.88 -2.25
C LEU A 126 4.52 1.94 -2.19
N HIS A 127 5.46 1.85 -3.13
CA HIS A 127 5.78 2.98 -4.00
C HIS A 127 5.71 2.50 -5.43
N LEU A 128 4.85 3.13 -6.22
CA LEU A 128 4.56 2.75 -7.60
C LEU A 128 4.98 3.83 -8.57
N LEU A 129 5.52 3.44 -9.72
CA LEU A 129 5.74 4.35 -10.84
C LEU A 129 4.88 3.92 -11.99
N ASN A 130 4.21 4.88 -12.61
CA ASN A 130 3.44 4.63 -13.82
C ASN A 130 4.11 5.34 -14.99
N PHE A 131 4.19 4.68 -16.15
CA PHE A 131 5.06 5.11 -17.23
C PHE A 131 4.31 5.77 -18.38
N ASP A 132 3.19 6.40 -18.10
CA ASP A 132 2.46 7.10 -19.17
C ASP A 132 3.40 8.02 -19.94
N LYS A 133 3.25 8.03 -21.28
CA LYS A 133 4.14 8.85 -22.10
C LYS A 133 3.92 10.34 -21.89
N THR A 134 2.70 10.75 -21.57
CA THR A 134 2.35 12.16 -21.46
C THR A 134 2.32 12.67 -20.03
N ARG A 135 1.69 11.93 -19.12
N ARG A 135 1.69 11.93 -19.12
CA ARG A 135 1.54 12.35 -17.73
CA ARG A 135 1.54 12.35 -17.73
C ARG A 135 1.95 11.21 -16.82
C ARG A 135 1.95 11.19 -16.84
N PRO A 136 3.24 10.87 -16.81
CA PRO A 136 3.71 9.83 -15.88
C PRO A 136 3.53 10.31 -14.46
N PHE A 137 3.49 9.35 -13.54
CA PHE A 137 3.26 9.75 -12.16
C PHE A 137 3.79 8.67 -11.23
N GLN A 138 3.88 9.05 -9.96
CA GLN A 138 4.24 8.17 -8.86
C GLN A 138 3.07 8.08 -7.90
N LEU A 139 2.91 6.91 -7.29
CA LEU A 139 1.88 6.69 -6.30
C LEU A 139 2.53 6.09 -5.07
N VAL A 140 2.23 6.61 -3.90
CA VAL A 140 2.64 5.97 -2.65
C VAL A 140 1.37 5.54 -1.92
N GLU A 141 1.36 4.30 -1.42
CA GLU A 141 0.19 3.74 -0.78
C GLU A 141 0.56 3.19 0.58
N PHE A 142 -0.36 3.32 1.54
CA PHE A 142 -0.20 2.76 2.86
C PHE A 142 -1.39 1.86 3.12
N TYR A 143 -1.15 0.57 3.28
CA TYR A 143 -2.19 -0.40 3.59
C TYR A 143 -2.02 -0.85 5.03
N ALA A 144 -3.13 -1.23 5.68
CA ALA A 144 -3.03 -1.69 7.05
C ALA A 144 -3.93 -2.89 7.23
N ARG A 145 -3.65 -3.64 8.30
CA ARG A 145 -4.45 -4.78 8.64
C ARG A 145 -5.78 -4.41 9.31
N GLU A 146 -5.94 -3.17 9.73
CA GLU A 146 -7.19 -2.61 10.24
C GLU A 146 -7.60 -1.42 9.41
N PRO A 147 -8.83 -0.92 9.51
CA PRO A 147 -9.23 0.19 8.65
C PRO A 147 -8.70 1.55 9.07
N ASP A 148 -7.97 1.66 10.18
CA ASP A 148 -7.30 2.90 10.54
C ASP A 148 -5.98 2.53 11.20
N VAL A 149 -5.10 3.53 11.37
CA VAL A 149 -3.79 3.31 11.96
C VAL A 149 -3.47 4.48 12.89
N SER A 150 -2.40 4.29 13.67
CA SER A 150 -1.95 5.28 14.61
C SER A 150 -1.47 6.55 13.91
N GLN A 151 -1.50 7.65 14.65
N GLN A 151 -1.50 7.67 14.64
CA GLN A 151 -0.93 8.90 14.15
CA GLN A 151 -0.93 8.91 14.13
C GLN A 151 0.55 8.74 13.84
C GLN A 151 0.56 8.75 13.83
N LYS A 152 1.26 7.92 14.63
CA LYS A 152 2.68 7.71 14.40
C LYS A 152 2.93 7.14 13.00
N LEU A 153 2.07 6.20 12.59
CA LEU A 153 2.25 5.58 11.27
C LEU A 153 1.84 6.52 10.15
N LYS A 154 0.82 7.34 10.37
CA LYS A 154 0.50 8.34 9.36
C LYS A 154 1.65 9.34 9.21
N GLU A 155 2.30 9.73 10.32
CA GLU A 155 3.43 10.63 10.20
C GLU A 155 4.60 9.97 9.47
N LYS A 156 4.83 8.68 9.71
CA LYS A 156 5.86 7.95 8.98
C LYS A 156 5.60 8.01 7.49
N PHE A 157 4.34 7.75 7.08
CA PHE A 157 4.01 7.85 5.67
C PHE A 157 4.25 9.25 5.13
N VAL A 158 3.80 10.28 5.86
CA VAL A 158 3.93 11.64 5.36
C VAL A 158 5.41 12.01 5.20
N LYS A 159 6.25 11.60 6.16
CA LYS A 159 7.69 11.87 6.05
C LYS A 159 8.30 11.19 4.85
N TYR A 160 7.92 9.92 4.60
CA TYR A 160 8.40 9.25 3.38
C TYR A 160 8.02 10.03 2.15
N CYS A 161 6.78 10.52 2.08
CA CYS A 161 6.34 11.27 0.92
C CYS A 161 7.17 12.52 0.76
N GLN A 162 7.31 13.27 1.85
CA GLN A 162 8.10 14.51 1.78
C GLN A 162 9.53 14.23 1.32
N GLU A 163 10.15 13.17 1.86
CA GLU A 163 11.51 12.84 1.45
C GLU A 163 11.60 12.50 -0.03
N HIS A 164 10.50 12.10 -0.68
CA HIS A 164 10.49 11.75 -2.07
C HIS A 164 9.82 12.81 -2.93
N GLY A 165 9.54 13.99 -2.38
CA GLY A 165 9.03 15.05 -3.21
C GLY A 165 7.57 14.89 -3.59
N ILE A 166 6.83 14.09 -2.84
N ILE A 166 6.83 14.06 -2.88
CA ILE A 166 5.43 13.78 -3.09
CA ILE A 166 5.42 13.82 -3.14
C ILE A 166 4.61 14.61 -2.10
C ILE A 166 4.61 14.61 -2.12
N VAL A 167 3.83 15.58 -2.59
CA VAL A 167 3.19 16.55 -1.72
C VAL A 167 1.68 16.51 -1.76
N ASN A 168 1.07 15.65 -2.56
CA ASN A 168 -0.38 15.48 -2.56
C ASN A 168 -0.67 14.19 -1.82
N ILE A 169 -1.13 14.30 -0.58
CA ILE A 169 -1.26 13.21 0.37
C ILE A 169 -2.66 13.21 0.92
N LEU A 170 -3.36 12.09 0.74
CA LEU A 170 -4.73 11.96 1.19
C LEU A 170 -4.86 10.88 2.25
N ASP A 171 -5.54 11.21 3.36
CA ASP A 171 -5.98 10.21 4.32
C ASP A 171 -7.39 9.78 3.90
N LEU A 172 -7.53 8.51 3.54
CA LEU A 172 -8.77 7.93 3.07
C LEU A 172 -9.71 7.46 4.16
N THR A 173 -9.31 7.57 5.43
CA THR A 173 -10.05 6.86 6.45
C THR A 173 -11.40 7.48 6.78
N GLU A 174 -11.71 8.67 6.31
CA GLU A 174 -13.04 9.21 6.61
C GLU A 174 -13.87 9.40 5.35
N VAL A 175 -13.48 8.81 4.23
CA VAL A 175 -14.23 8.94 3.00
C VAL A 175 -14.61 7.57 2.49
N ASP A 176 -15.35 7.54 1.38
CA ASP A 176 -15.89 6.29 0.83
C ASP A 176 -14.75 5.47 0.24
N ARG A 177 -14.41 4.38 0.94
CA ARG A 177 -13.42 3.40 0.49
C ARG A 177 -14.06 2.08 0.11
N CYS A 178 -15.35 2.08 -0.11
CA CYS A 178 -16.05 0.88 -0.54
C CYS A 178 -15.99 -0.22 0.52
N LEU A 179 -15.88 0.16 1.81
CA LEU A 179 -15.88 -0.89 2.83
C LEU A 179 -17.15 -1.72 2.77
N GLN A 180 -18.27 -1.08 2.42
CA GLN A 180 -19.55 -1.77 2.37
C GLN A 180 -19.60 -2.85 1.31
N ALA A 181 -18.68 -2.83 0.36
CA ALA A 181 -18.61 -3.81 -0.72
C ALA A 181 -17.80 -5.06 -0.39
N ARG A 182 -17.29 -5.17 0.83
CA ARG A 182 -16.43 -6.26 1.26
C ARG A 182 -17.19 -7.43 1.92
N GLY A 183 -18.50 -7.48 1.78
CA GLY A 183 -19.31 -8.45 2.52
C GLY A 183 -19.83 -9.58 1.68
N SER A 184 -19.20 -9.79 0.52
CA SER A 184 -19.60 -10.86 -0.39
C SER A 184 -19.64 -12.21 0.31
N GLU A 185 -18.59 -12.54 1.08
CA GLU A 185 -18.47 -13.83 1.73
C GLU A 185 -18.88 -13.72 3.20
N VAL A 186 -19.51 -14.79 3.72
CA VAL A 186 -19.96 -14.85 5.11
C VAL A 186 -19.17 -15.96 5.82
N ALA A 187 -19.15 -15.88 7.16
CA ALA A 187 -18.46 -16.89 7.96
C ALA A 187 -19.12 -18.26 7.82
#